data_7UJQ
#
_entry.id   7UJQ
#
_cell.length_a   73.245
_cell.length_b   91.784
_cell.length_c   91.772
_cell.angle_alpha   90.000
_cell.angle_beta   90.000
_cell.angle_gamma   90.000
#
_symmetry.space_group_name_H-M   'P 21 21 21'
#
loop_
_entity.id
_entity.type
_entity.pdbx_description
1 polymer 'Calcium/calmodulin-dependent protein kinase type II subunit alpha'
2 polymer 'Glutamate receptor ionotropic, NMDA 2B'
3 non-polymer 'methyl 6-O-(heptylcarbamoyl)-beta-L-altropyranoside'
4 non-polymer GLYCEROL
5 water water
#
loop_
_entity_poly.entity_id
_entity_poly.type
_entity_poly.pdbx_seq_one_letter_code
_entity_poly.pdbx_strand_id
1 'polypeptide(L)'
;TRFTEEYQLFEELGKGAFSVVRRCVKVLAGQEYAAKIINTKKLSARDHQKLEREARICRLLKHPNIVRLHDSISEEGHHY
LIFDLVTGGELFEDIVAREYYSEADASHCIQQILEAVLHCHQMGVVHRNLKPENLLLASKLKGAAVKLADFGLAIEVEGE
QQAWFGFAGTPGYLSPEVLRKDPYGKPVDLWACGVILYILLVGYPPFWDEDQHRLYKQIKAGAYDFPSPEWDTVTPEAKD
LINKMLTINPSKRITAAEALKHPWISHR
;
A,B
2 'polypeptide(L)' KAQKKNRNKLRRQHSYDTFVDL C,D
#
loop_
_chem_comp.id
_chem_comp.type
_chem_comp.name
_chem_comp.formula
GOL non-polymer GLYCEROL 'C3 H8 O3'
UZD non-polymer 'methyl 6-O-(heptylcarbamoyl)-beta-L-altropyranoside' 'C15 H29 N O7'
#
# COMPACT_ATOMS: atom_id res chain seq x y z
N THR A 1 -8.02 -29.43 -6.41
CA THR A 1 -7.02 -29.07 -7.46
C THR A 1 -5.70 -28.69 -6.75
N ARG A 2 -4.64 -28.42 -7.52
CA ARG A 2 -3.22 -28.68 -7.16
C ARG A 2 -2.74 -27.91 -5.92
N PHE A 3 -3.07 -26.64 -5.74
CA PHE A 3 -2.47 -25.80 -4.66
C PHE A 3 -2.86 -26.34 -3.29
N THR A 4 -4.16 -26.57 -3.07
CA THR A 4 -4.74 -26.99 -1.76
C THR A 4 -4.14 -28.33 -1.32
N GLU A 5 -3.85 -29.23 -2.25
CA GLU A 5 -3.41 -30.62 -1.91
C GLU A 5 -1.89 -30.69 -1.75
N GLU A 6 -1.13 -29.76 -2.35
CA GLU A 6 0.37 -29.86 -2.42
C GLU A 6 1.05 -28.77 -1.57
N TYR A 7 0.40 -27.64 -1.30
CA TYR A 7 1.03 -26.45 -0.66
C TYR A 7 0.41 -26.16 0.71
N GLN A 8 1.24 -25.65 1.62
CA GLN A 8 0.87 -25.18 2.99
C GLN A 8 1.22 -23.69 3.08
N LEU A 9 0.30 -22.88 3.61
CA LEU A 9 0.41 -21.39 3.70
C LEU A 9 1.06 -21.01 5.04
N PHE A 10 1.95 -20.03 5.01
CA PHE A 10 2.62 -19.44 6.20
C PHE A 10 2.42 -17.91 6.16
N GLU A 11 3.35 -17.14 6.72
CA GLU A 11 3.15 -15.70 7.06
C GLU A 11 2.99 -14.88 5.77
N GLU A 12 2.34 -13.73 5.90
CA GLU A 12 2.11 -12.74 4.82
C GLU A 12 3.42 -12.01 4.53
N LEU A 13 3.73 -11.82 3.24
CA LEU A 13 4.92 -11.08 2.76
C LEU A 13 4.50 -9.72 2.19
N GLY A 14 3.28 -9.59 1.69
CA GLY A 14 2.74 -8.35 1.10
C GLY A 14 1.24 -8.39 0.88
N LYS A 15 0.68 -7.25 0.47
CA LYS A 15 -0.78 -7.06 0.22
C LYS A 15 -0.99 -6.46 -1.18
N GLY A 16 -2.16 -6.71 -1.77
CA GLY A 16 -2.63 -6.09 -3.02
C GLY A 16 -4.11 -5.74 -2.95
N ALA A 17 -4.67 -5.21 -4.04
CA ALA A 17 -6.07 -4.73 -4.13
C ALA A 17 -7.05 -5.85 -3.75
N PHE A 18 -6.93 -7.03 -4.36
CA PHE A 18 -7.73 -8.24 -4.04
C PHE A 18 -6.82 -9.46 -4.02
N SER A 19 -5.64 -9.31 -3.41
CA SER A 19 -4.60 -10.36 -3.31
C SER A 19 -3.77 -10.17 -2.04
N VAL A 20 -3.15 -11.25 -1.58
CA VAL A 20 -2.03 -11.24 -0.60
C VAL A 20 -0.85 -12.01 -1.20
N VAL A 21 0.36 -11.72 -0.75
CA VAL A 21 1.56 -12.55 -1.03
C VAL A 21 1.96 -13.21 0.28
N ARG A 22 1.99 -14.54 0.31
CA ARG A 22 2.32 -15.35 1.50
C ARG A 22 3.43 -16.33 1.13
N ARG A 23 4.37 -16.55 2.06
CA ARG A 23 5.31 -17.69 2.01
C ARG A 23 4.47 -18.97 2.06
N CYS A 24 4.82 -19.95 1.24
CA CYS A 24 4.21 -21.30 1.25
C CYS A 24 5.30 -22.35 1.05
N VAL A 25 5.00 -23.60 1.41
CA VAL A 25 5.90 -24.78 1.26
C VAL A 25 5.17 -25.81 0.39
N LYS A 26 5.82 -26.31 -0.66
CA LYS A 26 5.38 -27.53 -1.38
C LYS A 26 5.79 -28.71 -0.50
N VAL A 27 4.83 -29.29 0.22
CA VAL A 27 5.07 -30.11 1.46
C VAL A 27 5.96 -31.32 1.13
N LEU A 28 5.62 -32.09 0.08
CA LEU A 28 6.32 -33.36 -0.29
C LEU A 28 7.73 -33.05 -0.83
N ALA A 29 7.94 -31.87 -1.42
CA ALA A 29 9.24 -31.41 -1.98
C ALA A 29 10.11 -30.78 -0.89
N GLY A 30 9.50 -30.22 0.15
CA GLY A 30 10.19 -29.46 1.21
C GLY A 30 10.81 -28.17 0.67
N GLN A 31 10.22 -27.60 -0.39
CA GLN A 31 10.72 -26.35 -1.04
C GLN A 31 9.75 -25.22 -0.74
N GLU A 32 10.25 -24.05 -0.36
CA GLU A 32 9.41 -22.87 -0.01
C GLU A 32 9.35 -21.92 -1.22
N TYR A 33 8.24 -21.20 -1.33
CA TYR A 33 7.90 -20.26 -2.44
C TYR A 33 7.13 -19.06 -1.88
N ALA A 34 7.01 -18.01 -2.68
CA ALA A 34 6.12 -16.84 -2.44
C ALA A 34 4.91 -16.98 -3.38
N ALA A 35 3.70 -17.08 -2.80
CA ALA A 35 2.44 -17.25 -3.55
C ALA A 35 1.65 -15.93 -3.51
N LYS A 36 1.43 -15.33 -4.69
CA LYS A 36 0.39 -14.28 -4.87
C LYS A 36 -0.96 -14.98 -4.99
N ILE A 37 -1.84 -14.78 -4.00
CA ILE A 37 -3.18 -15.40 -3.91
C ILE A 37 -4.22 -14.34 -4.28
N ILE A 38 -4.83 -14.47 -5.47
CA ILE A 38 -5.87 -13.53 -5.98
C ILE A 38 -7.25 -14.11 -5.66
N ASN A 39 -8.11 -13.35 -4.98
CA ASN A 39 -9.54 -13.71 -4.82
C ASN A 39 -10.26 -13.44 -6.15
N THR A 40 -10.77 -14.49 -6.81
CA THR A 40 -11.34 -14.45 -8.18
C THR A 40 -12.88 -14.52 -8.14
N LYS A 41 -13.48 -14.48 -6.94
CA LYS A 41 -14.97 -14.45 -6.78
C LYS A 41 -15.49 -13.16 -7.41
N LYS A 42 -16.26 -13.28 -8.50
CA LYS A 42 -16.96 -12.16 -9.19
C LYS A 42 -15.96 -11.09 -9.69
N LEU A 43 -14.80 -11.51 -10.21
CA LEU A 43 -13.86 -10.67 -11.00
C LEU A 43 -14.58 -10.20 -12.26
N SER A 44 -14.37 -8.96 -12.69
CA SER A 44 -14.84 -8.44 -14.01
C SER A 44 -14.10 -9.20 -15.13
N ALA A 45 -14.65 -9.18 -16.35
CA ALA A 45 -14.05 -9.83 -17.54
C ALA A 45 -12.66 -9.27 -17.81
N ARG A 46 -12.49 -7.94 -17.64
CA ARG A 46 -11.21 -7.22 -17.82
C ARG A 46 -10.20 -7.66 -16.74
N ASP A 47 -10.64 -7.82 -15.50
CA ASP A 47 -9.77 -8.25 -14.36
C ASP A 47 -9.25 -9.66 -14.63
N HIS A 48 -10.05 -10.52 -15.26
CA HIS A 48 -9.66 -11.89 -15.69
C HIS A 48 -8.59 -11.81 -16.78
N GLN A 49 -8.72 -10.87 -17.72
CA GLN A 49 -7.73 -10.61 -18.81
C GLN A 49 -6.40 -10.18 -18.19
N LYS A 50 -6.43 -9.31 -17.18
CA LYS A 50 -5.22 -8.72 -16.54
C LYS A 50 -4.50 -9.78 -15.69
N LEU A 51 -5.25 -10.66 -15.04
CA LEU A 51 -4.69 -11.81 -14.27
C LEU A 51 -3.96 -12.75 -15.25
N GLU A 52 -4.63 -13.12 -16.35
CA GLU A 52 -4.07 -14.00 -17.42
C GLU A 52 -2.82 -13.32 -18.01
N ARG A 53 -2.88 -12.01 -18.25
CA ARG A 53 -1.76 -11.19 -18.81
C ARG A 53 -0.55 -11.28 -17.87
N GLU A 54 -0.75 -11.08 -16.56
CA GLU A 54 0.32 -11.13 -15.54
C GLU A 54 0.97 -12.53 -15.56
N ALA A 55 0.16 -13.59 -15.57
CA ALA A 55 0.60 -15.00 -15.61
C ALA A 55 1.45 -15.24 -16.87
N ARG A 56 0.93 -14.83 -18.03
CA ARG A 56 1.57 -15.03 -19.36
C ARG A 56 2.91 -14.29 -19.39
N ILE A 57 2.95 -13.03 -18.97
CA ILE A 57 4.19 -12.19 -18.93
C ILE A 57 5.21 -12.85 -18.00
N CYS A 58 4.80 -13.26 -16.80
CA CYS A 58 5.70 -13.87 -15.78
C CYS A 58 6.25 -15.21 -16.25
N ARG A 59 5.47 -16.00 -17.00
CA ARG A 59 5.90 -17.29 -17.58
C ARG A 59 6.92 -17.04 -18.70
N LEU A 60 6.75 -15.94 -19.45
CA LEU A 60 7.55 -15.57 -20.65
C LEU A 60 9.00 -15.24 -20.25
N LEU A 61 9.19 -14.56 -19.11
CA LEU A 61 10.50 -13.97 -18.70
C LEU A 61 11.35 -15.01 -17.96
N LYS A 62 12.48 -15.39 -18.56
CA LYS A 62 13.50 -16.31 -17.99
C LYS A 62 14.84 -15.56 -17.97
N HIS A 63 15.23 -15.05 -16.80
CA HIS A 63 16.43 -14.18 -16.63
C HIS A 63 16.93 -14.25 -15.19
N PRO A 64 18.26 -14.30 -14.97
CA PRO A 64 18.83 -14.32 -13.62
C PRO A 64 18.38 -13.17 -12.70
N ASN A 65 18.01 -12.02 -13.28
CA ASN A 65 17.67 -10.77 -12.52
C ASN A 65 16.17 -10.48 -12.65
N ILE A 66 15.37 -11.50 -12.93
CA ILE A 66 13.88 -11.45 -12.88
C ILE A 66 13.39 -12.63 -12.04
N VAL A 67 12.52 -12.36 -11.08
CA VAL A 67 11.87 -13.40 -10.22
C VAL A 67 11.20 -14.43 -11.13
N ARG A 68 11.51 -15.71 -10.93
CA ARG A 68 10.98 -16.85 -11.72
C ARG A 68 9.55 -17.16 -11.25
N LEU A 69 8.61 -17.33 -12.17
CA LEU A 69 7.28 -17.92 -11.87
C LEU A 69 7.41 -19.45 -11.94
N HIS A 70 7.11 -20.14 -10.84
CA HIS A 70 7.22 -21.60 -10.67
C HIS A 70 5.96 -22.26 -11.24
N ASP A 71 4.77 -21.74 -10.90
CA ASP A 71 3.48 -22.30 -11.37
C ASP A 71 2.37 -21.24 -11.36
N SER A 72 1.29 -21.51 -12.09
CA SER A 72 0.04 -20.72 -12.15
C SER A 72 -1.15 -21.68 -11.99
N ILE A 73 -1.81 -21.66 -10.82
CA ILE A 73 -2.86 -22.65 -10.43
C ILE A 73 -4.18 -21.92 -10.21
N SER A 74 -5.20 -22.33 -10.97
CA SER A 74 -6.60 -21.81 -10.91
C SER A 74 -7.46 -22.78 -10.10
N GLU A 75 -7.90 -22.36 -8.90
CA GLU A 75 -8.86 -23.11 -8.06
C GLU A 75 -10.18 -22.32 -8.02
N GLU A 76 -11.22 -22.90 -7.41
CA GLU A 76 -12.55 -22.26 -7.26
C GLU A 76 -12.42 -21.07 -6.30
N GLY A 77 -12.50 -19.85 -6.83
CA GLY A 77 -12.54 -18.60 -6.04
C GLY A 77 -11.15 -18.04 -5.72
N HIS A 78 -10.08 -18.75 -6.11
CA HIS A 78 -8.68 -18.38 -5.80
C HIS A 78 -7.75 -18.78 -6.96
N HIS A 79 -6.92 -17.83 -7.42
CA HIS A 79 -5.77 -18.10 -8.33
C HIS A 79 -4.47 -17.92 -7.57
N TYR A 80 -3.51 -18.82 -7.81
CA TYR A 80 -2.19 -18.85 -7.13
C TYR A 80 -1.09 -18.67 -8.19
N LEU A 81 -0.43 -17.50 -8.18
CA LEU A 81 0.85 -17.28 -8.89
C LEU A 81 1.98 -17.59 -7.91
N ILE A 82 2.68 -18.70 -8.15
CA ILE A 82 3.74 -19.24 -7.25
C ILE A 82 5.10 -18.83 -7.81
N PHE A 83 5.81 -17.95 -7.10
CA PHE A 83 7.13 -17.39 -7.46
C PHE A 83 8.21 -18.01 -6.57
N ASP A 84 9.46 -18.03 -7.03
CA ASP A 84 10.64 -18.35 -6.19
C ASP A 84 10.59 -17.45 -4.94
N LEU A 85 11.01 -17.99 -3.78
CA LEU A 85 11.13 -17.18 -2.54
C LEU A 85 12.43 -16.38 -2.65
N VAL A 86 12.36 -15.09 -2.33
CA VAL A 86 13.50 -14.12 -2.35
C VAL A 86 13.55 -13.45 -0.97
N THR A 87 14.64 -13.64 -0.24
CA THR A 87 14.71 -13.45 1.24
C THR A 87 15.55 -12.22 1.59
N GLY A 88 16.06 -11.48 0.61
CA GLY A 88 16.92 -10.29 0.82
C GLY A 88 16.13 -9.02 1.06
N GLY A 89 14.83 -9.04 0.75
CA GLY A 89 13.92 -7.89 0.93
C GLY A 89 14.09 -6.88 -0.18
N GLU A 90 13.35 -5.77 -0.09
CA GLU A 90 13.32 -4.69 -1.10
C GLU A 90 14.70 -4.03 -1.18
N LEU A 91 15.13 -3.66 -2.39
CA LEU A 91 16.28 -2.77 -2.63
C LEU A 91 16.07 -1.46 -1.87
N PHE A 92 14.82 -1.00 -1.78
CA PHE A 92 14.39 0.21 -1.04
C PHE A 92 15.01 0.21 0.37
N GLU A 93 14.78 -0.87 1.13
CA GLU A 93 15.20 -1.01 2.56
C GLU A 93 16.73 -0.96 2.66
N ASP A 94 17.43 -1.55 1.69
CA ASP A 94 18.92 -1.62 1.68
C ASP A 94 19.51 -0.24 1.41
N ILE A 95 18.86 0.58 0.57
CA ILE A 95 19.32 1.97 0.26
C ILE A 95 19.16 2.82 1.52
N VAL A 96 17.99 2.77 2.17
CA VAL A 96 17.68 3.54 3.41
C VAL A 96 18.72 3.21 4.48
N ALA A 97 19.00 1.91 4.70
CA ALA A 97 19.91 1.40 5.75
C ALA A 97 21.34 1.88 5.49
N ARG A 98 21.81 1.79 4.24
CA ARG A 98 23.20 2.15 3.84
C ARG A 98 23.31 3.65 3.50
N GLU A 99 22.17 4.36 3.43
CA GLU A 99 22.05 5.80 3.05
C GLU A 99 22.21 5.95 1.53
N TYR A 100 23.38 5.58 1.00
CA TYR A 100 23.67 5.57 -0.46
C TYR A 100 24.60 4.40 -0.78
N TYR A 101 24.71 4.08 -2.08
CA TYR A 101 25.67 3.11 -2.66
C TYR A 101 26.88 3.89 -3.18
N SER A 102 28.08 3.30 -3.07
CA SER A 102 29.29 3.75 -3.81
C SER A 102 29.01 3.64 -5.31
N GLU A 103 29.75 4.37 -6.14
CA GLU A 103 29.55 4.38 -7.60
C GLU A 103 29.75 2.96 -8.16
N ALA A 104 30.72 2.21 -7.62
CA ALA A 104 31.02 0.82 -8.03
C ALA A 104 29.82 -0.09 -7.73
N ASP A 105 29.22 0.05 -6.54
CA ASP A 105 28.05 -0.75 -6.09
C ASP A 105 26.79 -0.31 -6.87
N ALA A 106 26.61 1.00 -7.06
CA ALA A 106 25.48 1.60 -7.81
C ALA A 106 25.52 1.12 -9.26
N SER A 107 26.70 1.12 -9.88
CA SER A 107 26.95 0.70 -11.28
C SER A 107 26.57 -0.77 -11.44
N HIS A 108 27.08 -1.63 -10.56
CA HIS A 108 26.79 -3.09 -10.48
C HIS A 108 25.28 -3.31 -10.35
N CYS A 109 24.61 -2.53 -9.48
CA CYS A 109 23.15 -2.62 -9.19
C CYS A 109 22.37 -2.28 -10.46
N ILE A 110 22.56 -1.07 -11.01
CA ILE A 110 21.78 -0.56 -12.16
C ILE A 110 22.09 -1.43 -13.39
N GLN A 111 23.30 -1.99 -13.49
CA GLN A 111 23.69 -2.91 -14.59
C GLN A 111 22.75 -4.12 -14.62
N GLN A 112 22.53 -4.74 -13.46
CA GLN A 112 21.64 -5.92 -13.31
C GLN A 112 20.20 -5.51 -13.65
N ILE A 113 19.76 -4.35 -13.15
CA ILE A 113 18.39 -3.79 -13.41
C ILE A 113 18.21 -3.63 -14.92
N LEU A 114 19.20 -3.04 -15.59
CA LEU A 114 19.14 -2.74 -17.06
C LEU A 114 19.14 -4.04 -17.87
N GLU A 115 19.92 -5.05 -17.44
CA GLU A 115 19.92 -6.41 -18.06
C GLU A 115 18.49 -6.98 -17.98
N ALA A 116 17.84 -6.87 -16.83
CA ALA A 116 16.45 -7.36 -16.60
C ALA A 116 15.47 -6.60 -17.50
N VAL A 117 15.60 -5.27 -17.57
CA VAL A 117 14.75 -4.39 -18.41
C VAL A 117 15.00 -4.71 -19.89
N LEU A 118 16.27 -4.90 -20.27
CA LEU A 118 16.66 -5.24 -21.67
C LEU A 118 15.92 -6.52 -22.09
N HIS A 119 15.97 -7.56 -21.27
CA HIS A 119 15.30 -8.86 -21.53
C HIS A 119 13.81 -8.64 -21.73
N CYS A 120 13.16 -7.93 -20.79
CA CYS A 120 11.72 -7.56 -20.83
C CYS A 120 11.40 -6.93 -22.21
N HIS A 121 12.17 -5.91 -22.58
CA HIS A 121 11.99 -5.12 -23.83
C HIS A 121 12.17 -6.04 -25.06
N GLN A 122 13.17 -6.93 -25.03
CA GLN A 122 13.44 -7.90 -26.14
C GLN A 122 12.25 -8.86 -26.27
N MET A 123 11.60 -9.21 -25.17
CA MET A 123 10.44 -10.15 -25.12
C MET A 123 9.12 -9.40 -25.31
N GLY A 124 9.16 -8.08 -25.52
CA GLY A 124 7.96 -7.24 -25.80
C GLY A 124 7.16 -6.97 -24.54
N VAL A 125 7.83 -6.85 -23.38
CA VAL A 125 7.19 -6.54 -22.07
C VAL A 125 7.72 -5.19 -21.58
N VAL A 126 6.82 -4.27 -21.24
CA VAL A 126 7.13 -2.99 -20.54
C VAL A 126 6.55 -3.09 -19.13
N HIS A 127 7.41 -2.92 -18.11
CA HIS A 127 7.08 -3.11 -16.67
C HIS A 127 6.15 -1.99 -16.21
N ARG A 128 6.49 -0.73 -16.52
CA ARG A 128 5.71 0.51 -16.28
C ARG A 128 5.80 0.95 -14.81
N ASN A 129 6.36 0.15 -13.90
CA ASN A 129 6.30 0.42 -12.43
C ASN A 129 7.64 0.05 -11.77
N LEU A 130 8.77 0.33 -12.42
CA LEU A 130 10.12 0.12 -11.84
C LEU A 130 10.32 1.09 -10.68
N LYS A 131 10.80 0.59 -9.54
CA LYS A 131 11.13 1.37 -8.32
C LYS A 131 11.84 0.47 -7.31
N PRO A 132 12.57 1.03 -6.32
CA PRO A 132 13.33 0.21 -5.36
C PRO A 132 12.47 -0.82 -4.60
N GLU A 133 11.18 -0.53 -4.39
CA GLU A 133 10.21 -1.46 -3.74
C GLU A 133 10.03 -2.73 -4.57
N ASN A 134 10.12 -2.62 -5.91
CA ASN A 134 9.82 -3.72 -6.88
C ASN A 134 11.11 -4.44 -7.29
N LEU A 135 12.24 -4.10 -6.67
CA LEU A 135 13.54 -4.78 -6.90
C LEU A 135 13.94 -5.48 -5.60
N LEU A 136 14.11 -6.81 -5.65
CA LEU A 136 14.37 -7.66 -4.45
C LEU A 136 15.80 -8.16 -4.50
N LEU A 137 16.45 -8.31 -3.33
CA LEU A 137 17.82 -8.86 -3.18
C LEU A 137 17.71 -10.37 -2.95
N ALA A 138 18.56 -11.16 -3.65
CA ALA A 138 18.48 -12.64 -3.71
C ALA A 138 18.80 -13.26 -2.35
N SER A 139 19.56 -12.55 -1.51
CA SER A 139 19.94 -12.98 -0.13
C SER A 139 20.27 -11.74 0.71
N LYS A 140 20.62 -11.95 1.98
CA LYS A 140 20.99 -10.87 2.95
C LYS A 140 22.52 -10.67 2.94
N LEU A 141 23.25 -11.51 2.19
CA LEU A 141 24.72 -11.38 1.98
C LEU A 141 24.98 -10.21 1.03
N LYS A 142 25.66 -9.16 1.50
CA LYS A 142 25.84 -7.89 0.74
C LYS A 142 26.54 -8.20 -0.59
N GLY A 143 26.07 -7.60 -1.69
CA GLY A 143 26.54 -7.88 -3.06
C GLY A 143 25.69 -8.93 -3.75
N ALA A 144 24.61 -9.38 -3.10
CA ALA A 144 23.60 -10.31 -3.66
C ALA A 144 22.94 -9.67 -4.88
N ALA A 145 22.52 -10.49 -5.84
CA ALA A 145 21.90 -10.08 -7.11
C ALA A 145 20.54 -9.43 -6.84
N VAL A 146 20.13 -8.48 -7.70
CA VAL A 146 18.79 -7.82 -7.66
C VAL A 146 17.87 -8.60 -8.60
N LYS A 147 16.60 -8.74 -8.24
CA LYS A 147 15.57 -9.45 -9.04
C LYS A 147 14.37 -8.52 -9.22
N LEU A 148 14.05 -8.21 -10.48
CA LEU A 148 12.86 -7.44 -10.89
C LEU A 148 11.60 -8.25 -10.54
N ALA A 149 10.66 -7.64 -9.83
CA ALA A 149 9.42 -8.29 -9.33
C ALA A 149 8.19 -7.46 -9.68
N ASP A 150 7.01 -8.07 -9.54
CA ASP A 150 5.67 -7.43 -9.61
C ASP A 150 5.40 -6.91 -11.02
N PHE A 151 4.93 -7.79 -11.91
CA PHE A 151 4.54 -7.48 -13.30
C PHE A 151 3.01 -7.31 -13.40
N GLY A 152 2.37 -6.92 -12.29
CA GLY A 152 0.92 -6.66 -12.20
C GLY A 152 0.47 -5.52 -13.09
N LEU A 153 1.34 -4.54 -13.35
CA LEU A 153 1.06 -3.36 -14.21
C LEU A 153 1.75 -3.49 -15.57
N ALA A 154 2.45 -4.60 -15.82
CA ALA A 154 3.24 -4.82 -17.06
C ALA A 154 2.28 -4.97 -18.25
N ILE A 155 2.69 -4.45 -19.41
CA ILE A 155 1.92 -4.53 -20.69
C ILE A 155 2.77 -5.29 -21.73
N GLU A 156 2.09 -5.90 -22.71
CA GLU A 156 2.72 -6.52 -23.90
C GLU A 156 2.66 -5.49 -25.04
N VAL A 157 3.81 -5.23 -25.69
CA VAL A 157 3.91 -4.27 -26.82
C VAL A 157 4.29 -5.06 -28.08
N GLU A 158 3.87 -4.56 -29.25
CA GLU A 158 4.18 -5.15 -30.58
C GLU A 158 5.37 -4.38 -31.18
N GLY A 159 6.58 -4.95 -31.09
CA GLY A 159 7.83 -4.29 -31.51
C GLY A 159 8.00 -2.94 -30.83
N GLU A 160 8.25 -1.89 -31.62
CA GLU A 160 8.50 -0.51 -31.11
C GLU A 160 7.22 0.34 -31.27
N GLN A 161 6.08 -0.28 -31.56
CA GLN A 161 4.76 0.40 -31.70
C GLN A 161 4.32 0.91 -30.32
N GLN A 162 4.03 2.22 -30.23
CA GLN A 162 3.71 2.96 -28.99
C GLN A 162 2.24 3.40 -29.08
N ALA A 163 1.58 3.62 -27.94
CA ALA A 163 0.14 3.94 -27.83
C ALA A 163 -0.13 4.49 -26.43
N TRP A 164 -1.29 5.12 -26.24
CA TRP A 164 -1.81 5.45 -24.89
C TRP A 164 -2.35 4.15 -24.27
N PHE A 165 -1.54 3.53 -23.40
CA PHE A 165 -1.83 2.22 -22.73
C PHE A 165 -2.48 2.47 -21.35
N GLY A 166 -2.79 3.73 -21.05
CA GLY A 166 -3.49 4.13 -19.80
C GLY A 166 -2.53 4.64 -18.75
N PHE A 167 -3.08 5.27 -17.71
CA PHE A 167 -2.31 5.91 -16.62
C PHE A 167 -2.03 4.88 -15.53
N ALA A 168 -0.77 4.43 -15.42
CA ALA A 168 -0.33 3.42 -14.45
C ALA A 168 1.14 3.64 -14.10
N GLY A 169 1.49 3.33 -12.85
CA GLY A 169 2.85 3.54 -12.30
C GLY A 169 2.80 4.21 -10.95
N THR A 170 3.96 4.62 -10.45
CA THR A 170 4.16 5.24 -9.11
C THR A 170 4.59 6.70 -9.31
N PRO A 171 3.91 7.68 -8.66
CA PRO A 171 4.15 9.10 -8.89
C PRO A 171 5.61 9.52 -9.11
N GLY A 172 6.51 9.20 -8.18
CA GLY A 172 7.92 9.62 -8.19
C GLY A 172 8.70 9.07 -9.37
N TYR A 173 8.19 8.02 -10.04
CA TYR A 173 8.90 7.23 -11.08
C TYR A 173 8.22 7.36 -12.44
N LEU A 174 7.09 8.07 -12.51
CA LEU A 174 6.29 8.26 -13.76
C LEU A 174 7.11 9.07 -14.77
N SER A 175 7.07 8.67 -16.03
CA SER A 175 7.72 9.37 -17.18
C SER A 175 6.89 10.60 -17.55
N PRO A 176 7.50 11.65 -18.12
CA PRO A 176 6.75 12.81 -18.63
C PRO A 176 5.61 12.43 -19.59
N GLU A 177 5.85 11.47 -20.49
CA GLU A 177 4.89 11.10 -21.58
C GLU A 177 3.62 10.50 -20.95
N VAL A 178 3.73 9.76 -19.84
CA VAL A 178 2.56 9.18 -19.12
C VAL A 178 1.78 10.32 -18.44
N LEU A 179 2.48 11.29 -17.84
CA LEU A 179 1.86 12.44 -17.12
C LEU A 179 1.17 13.38 -18.11
N ARG A 180 1.72 13.54 -19.32
CA ARG A 180 1.09 14.36 -20.40
C ARG A 180 -0.11 13.61 -21.01
N LYS A 181 -0.26 12.32 -20.70
CA LYS A 181 -1.28 11.39 -21.28
C LYS A 181 -1.05 11.30 -22.79
N ASP A 182 0.22 11.12 -23.20
CA ASP A 182 0.66 10.95 -24.61
C ASP A 182 0.99 9.47 -24.85
N PRO A 183 1.07 9.03 -26.13
CA PRO A 183 1.53 7.68 -26.44
C PRO A 183 2.91 7.42 -25.82
N TYR A 184 3.15 6.18 -25.42
CA TYR A 184 4.42 5.74 -24.78
C TYR A 184 4.66 4.25 -25.04
N GLY A 185 5.86 3.79 -24.69
CA GLY A 185 6.27 2.38 -24.75
C GLY A 185 7.44 2.10 -23.83
N LYS A 186 8.47 1.43 -24.36
CA LYS A 186 9.64 0.90 -23.62
C LYS A 186 10.40 2.02 -22.89
N PRO A 187 10.55 3.24 -23.47
CA PRO A 187 11.31 4.30 -22.80
C PRO A 187 10.86 4.68 -21.38
N VAL A 188 9.59 4.45 -21.03
CA VAL A 188 9.05 4.78 -19.67
C VAL A 188 9.90 4.05 -18.62
N ASP A 189 10.37 2.84 -18.92
CA ASP A 189 11.18 2.00 -18.00
C ASP A 189 12.56 2.63 -17.80
N LEU A 190 13.17 3.20 -18.85
CA LEU A 190 14.51 3.83 -18.78
C LEU A 190 14.44 5.14 -17.98
N TRP A 191 13.32 5.87 -18.05
CA TRP A 191 13.10 7.09 -17.23
C TRP A 191 13.13 6.68 -15.74
N ALA A 192 12.37 5.64 -15.37
CA ALA A 192 12.32 5.08 -14.00
C ALA A 192 13.72 4.64 -13.57
N CYS A 193 14.49 4.02 -14.46
CA CYS A 193 15.90 3.58 -14.20
C CYS A 193 16.75 4.80 -13.81
N GLY A 194 16.55 5.92 -14.50
CA GLY A 194 17.22 7.21 -14.20
C GLY A 194 16.92 7.67 -12.78
N VAL A 195 15.66 7.59 -12.37
CA VAL A 195 15.19 7.97 -11.01
C VAL A 195 15.87 7.04 -9.98
N ILE A 196 15.89 5.74 -10.27
CA ILE A 196 16.47 4.70 -9.36
C ILE A 196 17.97 4.92 -9.24
N LEU A 197 18.68 5.20 -10.33
CA LEU A 197 20.14 5.41 -10.33
C LEU A 197 20.47 6.66 -9.48
N TYR A 198 19.69 7.72 -9.63
CA TYR A 198 19.81 8.98 -8.86
C TYR A 198 19.71 8.64 -7.36
N ILE A 199 18.66 7.91 -6.98
CA ILE A 199 18.40 7.45 -5.58
C ILE A 199 19.62 6.65 -5.08
N LEU A 200 20.11 5.70 -5.88
CA LEU A 200 21.26 4.82 -5.51
C LEU A 200 22.46 5.68 -5.07
N LEU A 201 22.76 6.77 -5.79
CA LEU A 201 24.04 7.50 -5.65
C LEU A 201 24.03 8.49 -4.48
N VAL A 202 22.87 9.03 -4.07
CA VAL A 202 22.79 10.05 -2.98
C VAL A 202 21.69 9.72 -1.95
N GLY A 203 20.84 8.73 -2.19
CA GLY A 203 19.89 8.21 -1.17
C GLY A 203 18.59 9.00 -1.06
N TYR A 204 18.32 9.91 -2.00
CA TYR A 204 17.04 10.65 -2.10
C TYR A 204 16.65 10.81 -3.57
N PRO A 205 15.35 11.03 -3.89
CA PRO A 205 14.89 11.06 -5.28
C PRO A 205 15.11 12.39 -5.98
N PRO A 206 15.22 12.41 -7.33
CA PRO A 206 15.41 13.64 -8.09
C PRO A 206 14.17 14.54 -8.17
N PHE A 207 12.98 13.93 -8.08
CA PHE A 207 11.66 14.60 -8.09
C PHE A 207 10.92 14.24 -6.80
N TRP A 208 10.50 15.26 -6.05
CA TRP A 208 9.72 15.11 -4.80
C TRP A 208 9.02 16.43 -4.45
N ASP A 209 7.77 16.33 -4.00
CA ASP A 209 6.98 17.49 -3.49
C ASP A 209 5.75 16.95 -2.73
N GLU A 210 5.40 17.60 -1.63
CA GLU A 210 4.18 17.30 -0.81
C GLU A 210 2.94 17.49 -1.70
N ASP A 211 3.01 18.45 -2.62
CA ASP A 211 1.95 18.77 -3.62
C ASP A 211 2.19 17.93 -4.88
N GLN A 212 1.32 16.93 -5.12
CA GLN A 212 1.43 15.97 -6.25
C GLN A 212 1.41 16.73 -7.58
N HIS A 213 0.60 17.79 -7.68
CA HIS A 213 0.47 18.61 -8.93
C HIS A 213 1.82 19.26 -9.26
N ARG A 214 2.55 19.75 -8.25
CA ARG A 214 3.89 20.36 -8.42
C ARG A 214 4.92 19.26 -8.76
N LEU A 215 4.82 18.08 -8.13
CA LEU A 215 5.68 16.91 -8.43
C LEU A 215 5.64 16.63 -9.93
N TYR A 216 4.43 16.48 -10.48
CA TYR A 216 4.17 16.12 -11.90
C TYR A 216 4.71 17.23 -12.82
N LYS A 217 4.53 18.51 -12.44
CA LYS A 217 5.06 19.67 -13.20
C LYS A 217 6.58 19.57 -13.28
N GLN A 218 7.24 19.26 -12.17
CA GLN A 218 8.73 19.15 -12.10
C GLN A 218 9.19 17.98 -12.97
N ILE A 219 8.48 16.84 -12.94
CA ILE A 219 8.81 15.64 -13.78
C ILE A 219 8.67 16.03 -15.27
N LYS A 220 7.52 16.59 -15.65
CA LYS A 220 7.18 16.93 -17.06
C LYS A 220 8.21 17.91 -17.66
N ALA A 221 8.77 18.80 -16.84
CA ALA A 221 9.77 19.81 -17.26
C ALA A 221 11.20 19.28 -17.07
N GLY A 222 11.36 18.05 -16.59
CA GLY A 222 12.66 17.45 -16.24
C GLY A 222 13.46 18.35 -15.31
N ALA A 223 12.80 18.96 -14.33
CA ALA A 223 13.38 19.95 -13.39
C ALA A 223 14.00 19.21 -12.20
N TYR A 224 15.14 18.57 -12.44
CA TYR A 224 16.02 17.95 -11.42
C TYR A 224 17.38 18.67 -11.47
N ASP A 225 18.15 18.58 -10.39
CA ASP A 225 19.52 19.13 -10.30
C ASP A 225 20.34 18.22 -9.38
N PHE A 226 21.62 18.56 -9.17
CA PHE A 226 22.62 17.77 -8.42
C PHE A 226 23.16 18.64 -7.29
N PRO A 227 22.36 18.86 -6.21
CA PRO A 227 22.76 19.77 -5.14
C PRO A 227 24.01 19.35 -4.36
N SER A 228 24.75 20.31 -3.82
CA SER A 228 25.78 20.12 -2.76
C SER A 228 25.09 19.82 -1.44
N PRO A 229 25.69 19.03 -0.51
CA PRO A 229 27.04 18.47 -0.68
C PRO A 229 27.14 17.06 -1.29
N GLU A 230 26.02 16.34 -1.39
CA GLU A 230 26.00 14.89 -1.73
C GLU A 230 26.55 14.65 -3.14
N TRP A 231 26.37 15.59 -4.07
CA TRP A 231 26.78 15.44 -5.50
C TRP A 231 28.20 15.95 -5.72
N ASP A 232 28.85 16.51 -4.69
CA ASP A 232 30.18 17.18 -4.81
C ASP A 232 31.27 16.18 -5.18
N THR A 233 31.10 14.88 -4.86
CA THR A 233 32.14 13.84 -5.09
C THR A 233 31.70 12.83 -6.17
N VAL A 234 30.54 13.03 -6.80
CA VAL A 234 30.00 12.10 -7.83
C VAL A 234 30.61 12.48 -9.19
N THR A 235 31.02 11.48 -9.98
CA THR A 235 31.72 11.66 -11.28
C THR A 235 30.77 12.31 -12.29
N PRO A 236 31.31 13.06 -13.28
CA PRO A 236 30.52 13.55 -14.41
C PRO A 236 29.84 12.46 -15.23
N GLU A 237 30.46 11.28 -15.37
CA GLU A 237 29.96 10.17 -16.21
C GLU A 237 28.74 9.52 -15.55
N ALA A 238 28.64 9.53 -14.22
CA ALA A 238 27.45 9.09 -13.46
C ALA A 238 26.30 10.07 -13.75
N LYS A 239 26.56 11.37 -13.67
CA LYS A 239 25.58 12.44 -13.96
C LYS A 239 25.15 12.35 -15.43
N ASP A 240 26.08 11.98 -16.32
CA ASP A 240 25.83 11.89 -17.79
C ASP A 240 24.81 10.78 -18.07
N LEU A 241 24.99 9.59 -17.47
CA LEU A 241 24.07 8.44 -17.66
C LEU A 241 22.68 8.80 -17.11
N ILE A 242 22.62 9.43 -15.94
CA ILE A 242 21.35 9.91 -15.33
C ILE A 242 20.66 10.87 -16.32
N ASN A 243 21.41 11.86 -16.82
CA ASN A 243 20.94 12.89 -17.79
C ASN A 243 20.33 12.21 -19.03
N LYS A 244 20.99 11.18 -19.56
CA LYS A 244 20.56 10.47 -20.79
C LYS A 244 19.31 9.62 -20.52
N MET A 245 19.15 9.13 -19.29
CA MET A 245 17.94 8.37 -18.85
C MET A 245 16.81 9.37 -18.57
N LEU A 246 17.11 10.46 -17.87
CA LEU A 246 16.12 11.51 -17.52
C LEU A 246 16.07 12.55 -18.66
N THR A 247 15.94 12.07 -19.90
CA THR A 247 15.69 12.87 -21.12
C THR A 247 14.18 12.88 -21.38
N ILE A 248 13.58 14.06 -21.41
CA ILE A 248 12.11 14.31 -21.52
C ILE A 248 11.56 13.65 -22.80
N ASN A 249 12.28 13.80 -23.92
CA ASN A 249 11.86 13.33 -25.26
C ASN A 249 12.22 11.84 -25.37
N PRO A 250 11.21 10.93 -25.41
CA PRO A 250 11.48 9.49 -25.28
C PRO A 250 12.26 8.89 -26.46
N SER A 251 12.21 9.52 -27.64
CA SER A 251 12.96 9.12 -28.86
C SER A 251 14.47 9.23 -28.57
N LYS A 252 14.87 10.30 -27.89
CA LYS A 252 16.28 10.67 -27.65
C LYS A 252 16.78 10.09 -26.32
N ARG A 253 15.88 9.53 -25.50
CA ARG A 253 16.22 8.86 -24.21
C ARG A 253 17.07 7.63 -24.53
N ILE A 254 18.11 7.37 -23.72
CA ILE A 254 18.98 6.17 -23.85
C ILE A 254 18.11 4.92 -23.68
N THR A 255 18.36 3.89 -24.49
CA THR A 255 17.71 2.56 -24.39
C THR A 255 18.48 1.71 -23.37
N ALA A 256 17.90 0.59 -22.94
CA ALA A 256 18.55 -0.40 -22.06
C ALA A 256 19.87 -0.84 -22.69
N ALA A 257 19.84 -1.26 -23.96
CA ALA A 257 21.01 -1.77 -24.72
C ALA A 257 22.13 -0.72 -24.72
N GLU A 258 21.80 0.54 -25.01
CA GLU A 258 22.75 1.68 -25.08
C GLU A 258 23.33 1.97 -23.67
N ALA A 259 22.47 1.95 -22.65
CA ALA A 259 22.83 2.26 -21.24
C ALA A 259 23.89 1.25 -20.75
N LEU A 260 23.77 -0.02 -21.16
CA LEU A 260 24.70 -1.12 -20.78
C LEU A 260 26.07 -0.93 -21.45
N LYS A 261 26.16 -0.11 -22.51
CA LYS A 261 27.43 0.20 -23.24
C LYS A 261 28.04 1.52 -22.74
N HIS A 262 27.35 2.27 -21.89
CA HIS A 262 27.84 3.56 -21.32
C HIS A 262 29.12 3.29 -20.52
N PRO A 263 30.19 4.10 -20.67
CA PRO A 263 31.46 3.85 -20.00
C PRO A 263 31.37 3.64 -18.48
N TRP A 264 30.43 4.34 -17.83
CA TRP A 264 30.21 4.27 -16.36
C TRP A 264 29.74 2.87 -15.94
N ILE A 265 29.15 2.09 -16.87
CA ILE A 265 28.67 0.70 -16.66
C ILE A 265 29.70 -0.31 -17.18
N SER A 266 30.12 -0.17 -18.44
CA SER A 266 30.84 -1.21 -19.23
C SER A 266 32.33 -1.23 -18.91
N HIS A 267 32.99 -0.07 -18.80
CA HIS A 267 34.41 0.05 -18.33
C HIS A 267 34.47 -0.21 -16.82
N ARG A 268 34.12 -1.43 -16.40
CA ARG A 268 33.98 -1.87 -14.99
C ARG A 268 33.08 -3.12 -14.94
N THR B 1 20.17 3.03 23.88
CA THR B 1 18.81 3.34 24.48
C THR B 1 17.93 2.08 24.30
N ARG B 2 16.69 2.13 24.84
CA ARG B 2 15.96 0.95 25.39
C ARG B 2 15.67 -0.15 24.35
N PHE B 3 15.27 0.18 23.11
CA PHE B 3 14.77 -0.85 22.15
C PHE B 3 15.90 -1.80 21.77
N THR B 4 17.06 -1.25 21.37
CA THR B 4 18.23 -2.02 20.87
C THR B 4 18.75 -2.98 21.94
N GLU B 5 18.66 -2.61 23.22
CA GLU B 5 19.22 -3.39 24.37
C GLU B 5 18.24 -4.49 24.80
N GLU B 6 16.93 -4.28 24.65
CA GLU B 6 15.87 -5.11 25.30
C GLU B 6 15.07 -5.94 24.28
N TYR B 7 15.03 -5.53 23.00
CA TYR B 7 14.16 -6.15 21.97
C TYR B 7 14.99 -6.78 20.84
N GLN B 8 14.46 -7.86 20.26
CA GLN B 8 15.00 -8.55 19.07
C GLN B 8 13.94 -8.51 17.96
N LEU B 9 14.36 -8.16 16.74
CA LEU B 9 13.45 -7.96 15.57
C LEU B 9 13.34 -9.27 14.78
N PHE B 10 12.13 -9.57 14.29
CA PHE B 10 11.82 -10.75 13.44
C PHE B 10 11.09 -10.27 12.18
N GLU B 11 10.22 -11.09 11.58
CA GLU B 11 9.70 -10.90 10.21
C GLU B 11 8.80 -9.64 10.14
N GLU B 12 8.68 -9.10 8.93
CA GLU B 12 7.83 -7.93 8.60
C GLU B 12 6.36 -8.35 8.62
N LEU B 13 5.50 -7.52 9.23
CA LEU B 13 4.03 -7.72 9.30
C LEU B 13 3.33 -6.73 8.35
N GLY B 14 3.93 -5.57 8.09
CA GLY B 14 3.36 -4.52 7.20
C GLY B 14 4.36 -3.44 6.85
N LYS B 15 3.96 -2.51 5.97
CA LYS B 15 4.80 -1.41 5.42
C LYS B 15 4.08 -0.07 5.57
N GLY B 16 4.86 1.02 5.61
CA GLY B 16 4.39 2.42 5.50
C GLY B 16 5.35 3.26 4.67
N ALA B 17 5.07 4.55 4.52
CA ALA B 17 5.85 5.51 3.68
C ALA B 17 7.32 5.52 4.11
N PHE B 18 7.58 5.70 5.41
CA PHE B 18 8.94 5.69 6.01
C PHE B 18 8.92 4.87 7.30
N SER B 19 8.21 3.74 7.29
CA SER B 19 8.05 2.82 8.44
C SER B 19 7.83 1.40 7.96
N VAL B 20 8.15 0.43 8.82
CA VAL B 20 7.74 -1.00 8.70
C VAL B 20 7.09 -1.40 10.03
N VAL B 21 6.24 -2.42 10.00
CA VAL B 21 5.72 -3.12 11.21
C VAL B 21 6.35 -4.52 11.22
N ARG B 22 7.09 -4.83 12.28
CA ARG B 22 7.80 -6.13 12.44
C ARG B 22 7.40 -6.73 13.79
N ARG B 23 7.23 -8.05 13.82
CA ARG B 23 7.18 -8.83 15.08
C ARG B 23 8.52 -8.64 15.79
N CYS B 24 8.49 -8.46 17.11
CA CYS B 24 9.69 -8.39 17.98
C CYS B 24 9.42 -9.12 19.29
N VAL B 25 10.48 -9.48 20.00
CA VAL B 25 10.44 -10.15 21.33
C VAL B 25 11.19 -9.26 22.33
N LYS B 26 10.58 -8.95 23.48
CA LYS B 26 11.28 -8.39 24.67
C LYS B 26 12.01 -9.57 25.33
N VAL B 27 13.33 -9.64 25.13
CA VAL B 27 14.16 -10.88 25.26
C VAL B 27 14.06 -11.44 26.69
N LEU B 28 14.24 -10.60 27.72
CA LEU B 28 14.26 -11.01 29.15
C LEU B 28 12.87 -11.52 29.58
N ALA B 29 11.80 -10.98 29.01
CA ALA B 29 10.40 -11.32 29.34
C ALA B 29 9.92 -12.53 28.52
N GLY B 30 10.50 -12.74 27.33
CA GLY B 30 10.05 -13.74 26.35
C GLY B 30 8.64 -13.44 25.85
N GLN B 31 8.27 -12.15 25.79
CA GLN B 31 6.94 -11.67 25.32
C GLN B 31 7.09 -11.03 23.94
N GLU B 32 6.23 -11.40 23.00
CA GLU B 32 6.26 -10.91 21.60
C GLU B 32 5.33 -9.70 21.46
N TYR B 33 5.69 -8.78 20.56
CA TYR B 33 4.95 -7.53 20.26
C TYR B 33 5.06 -7.23 18.76
N ALA B 34 4.23 -6.31 18.27
CA ALA B 34 4.32 -5.71 16.92
C ALA B 34 4.88 -4.29 17.07
N ALA B 35 6.03 -4.04 16.46
CA ALA B 35 6.74 -2.74 16.51
C ALA B 35 6.58 -2.00 15.18
N LYS B 36 5.93 -0.83 15.21
CA LYS B 36 6.02 0.16 14.10
C LYS B 36 7.36 0.90 14.25
N ILE B 37 8.26 0.70 13.28
CA ILE B 37 9.63 1.30 13.25
C ILE B 37 9.62 2.44 12.23
N ILE B 38 9.67 3.69 12.70
CA ILE B 38 9.71 4.91 11.84
C ILE B 38 11.18 5.33 11.67
N ASN B 39 11.63 5.48 10.42
CA ASN B 39 12.94 6.10 10.09
C ASN B 39 12.81 7.61 10.30
N THR B 40 13.55 8.15 11.26
CA THR B 40 13.47 9.57 11.72
C THR B 40 14.67 10.38 11.22
N LYS B 41 15.51 9.81 10.35
CA LYS B 41 16.78 10.43 9.86
C LYS B 41 16.53 11.87 9.37
N LYS B 42 15.84 12.04 8.23
CA LYS B 42 15.48 13.38 7.70
C LYS B 42 14.39 13.96 8.60
N LEU B 43 13.12 13.64 8.28
CA LEU B 43 11.88 14.11 8.95
C LEU B 43 11.78 15.65 8.99
N SER B 44 10.76 16.18 8.33
CA SER B 44 10.32 17.60 8.43
C SER B 44 9.81 17.87 9.86
N ALA B 45 9.74 19.14 10.24
CA ALA B 45 9.22 19.61 11.56
C ALA B 45 7.78 19.11 11.75
N ARG B 46 6.97 19.14 10.69
CA ARG B 46 5.55 18.69 10.69
C ARG B 46 5.49 17.16 10.91
N ASP B 47 6.39 16.40 10.27
CA ASP B 47 6.45 14.93 10.39
C ASP B 47 6.79 14.55 11.84
N HIS B 48 7.62 15.35 12.51
CA HIS B 48 7.99 15.16 13.95
C HIS B 48 6.75 15.40 14.81
N GLN B 49 5.94 16.41 14.48
CA GLN B 49 4.66 16.74 15.18
C GLN B 49 3.68 15.55 15.06
N LYS B 50 3.59 14.97 13.86
CA LYS B 50 2.63 13.88 13.53
C LYS B 50 3.05 12.58 14.22
N LEU B 51 4.36 12.32 14.31
CA LEU B 51 4.91 11.15 15.06
C LEU B 51 4.55 11.28 16.53
N GLU B 52 4.82 12.44 17.13
CA GLU B 52 4.50 12.75 18.56
C GLU B 52 3.00 12.60 18.79
N ARG B 53 2.19 13.12 17.84
CA ARG B 53 0.69 13.07 17.88
C ARG B 53 0.24 11.61 17.91
N GLU B 54 0.77 10.77 17.02
CA GLU B 54 0.40 9.33 16.91
C GLU B 54 0.72 8.64 18.24
N ALA B 55 1.91 8.87 18.80
CA ALA B 55 2.36 8.30 20.09
C ALA B 55 1.40 8.71 21.21
N ARG B 56 1.10 10.01 21.30
CA ARG B 56 0.22 10.61 22.35
C ARG B 56 -1.18 10.00 22.25
N ILE B 57 -1.76 9.96 21.05
CA ILE B 57 -3.12 9.41 20.77
C ILE B 57 -3.15 7.93 21.17
N CYS B 58 -2.15 7.14 20.75
CA CYS B 58 -2.07 5.67 21.02
C CYS B 58 -1.94 5.40 22.52
N ARG B 59 -1.21 6.25 23.25
CA ARG B 59 -1.03 6.12 24.72
C ARG B 59 -2.37 6.44 25.42
N LEU B 60 -3.13 7.38 24.87
CA LEU B 60 -4.39 7.92 25.44
C LEU B 60 -5.49 6.86 25.47
N LEU B 61 -5.58 6.02 24.43
CA LEU B 61 -6.74 5.11 24.20
C LEU B 61 -6.54 3.77 24.92
N LYS B 62 -7.40 3.48 25.90
CA LYS B 62 -7.44 2.22 26.68
C LYS B 62 -8.85 1.64 26.55
N HIS B 63 -9.01 0.61 25.70
CA HIS B 63 -10.34 0.03 25.36
C HIS B 63 -10.17 -1.39 24.86
N PRO B 64 -11.07 -2.34 25.22
CA PRO B 64 -10.99 -3.72 24.74
C PRO B 64 -10.96 -3.88 23.21
N ASN B 65 -11.53 -2.91 22.47
CA ASN B 65 -11.68 -2.97 20.99
C ASN B 65 -10.76 -1.93 20.33
N ILE B 66 -9.68 -1.54 21.01
CA ILE B 66 -8.58 -0.70 20.44
C ILE B 66 -7.24 -1.36 20.81
N VAL B 67 -6.34 -1.50 19.83
CA VAL B 67 -4.96 -2.03 20.02
C VAL B 67 -4.25 -1.22 21.11
N ARG B 68 -3.68 -1.89 22.10
CA ARG B 68 -2.93 -1.28 23.23
C ARG B 68 -1.51 -0.93 22.75
N LEU B 69 -1.04 0.29 23.04
CA LEU B 69 0.39 0.68 22.90
C LEU B 69 1.13 0.29 24.19
N HIS B 70 2.15 -0.56 24.07
CA HIS B 70 2.98 -1.06 25.19
C HIS B 70 4.04 -0.02 25.57
N ASP B 71 4.75 0.54 24.58
CA ASP B 71 5.83 1.53 24.82
C ASP B 71 6.05 2.40 23.57
N SER B 72 6.70 3.55 23.78
CA SER B 72 7.15 4.52 22.74
C SER B 72 8.61 4.88 22.98
N ILE B 73 9.53 4.40 22.15
CA ILE B 73 11.00 4.50 22.36
C ILE B 73 11.62 5.29 21.20
N SER B 74 12.30 6.39 21.53
CA SER B 74 13.03 7.27 20.58
C SER B 74 14.52 6.95 20.63
N GLU B 75 15.08 6.38 19.55
CA GLU B 75 16.53 6.14 19.38
C GLU B 75 17.05 7.05 18.26
N GLU B 76 18.36 7.08 18.06
CA GLU B 76 19.03 7.87 16.99
C GLU B 76 18.66 7.28 15.64
N GLY B 77 17.82 7.98 14.87
CA GLY B 77 17.45 7.64 13.49
C GLY B 77 16.25 6.70 13.40
N HIS B 78 15.72 6.23 14.54
CA HIS B 78 14.58 5.26 14.60
C HIS B 78 13.69 5.54 15.81
N HIS B 79 12.38 5.63 15.60
CA HIS B 79 11.35 5.62 16.67
C HIS B 79 10.59 4.29 16.61
N TYR B 80 10.30 3.70 17.78
CA TYR B 80 9.64 2.39 17.95
C TYR B 80 8.33 2.60 18.72
N LEU B 81 7.18 2.47 18.03
CA LEU B 81 5.85 2.32 18.66
C LEU B 81 5.60 0.82 18.80
N ILE B 82 5.62 0.33 20.05
CA ILE B 82 5.52 -1.11 20.39
C ILE B 82 4.08 -1.40 20.83
N PHE B 83 3.34 -2.15 20.02
CA PHE B 83 1.93 -2.52 20.25
C PHE B 83 1.83 -3.98 20.70
N ASP B 84 0.82 -4.29 21.51
CA ASP B 84 0.41 -5.69 21.81
C ASP B 84 0.24 -6.42 20.48
N LEU B 85 0.52 -7.72 20.48
CA LEU B 85 0.27 -8.63 19.33
C LEU B 85 -1.24 -8.76 19.13
N VAL B 86 -1.70 -8.69 17.89
CA VAL B 86 -3.09 -9.04 17.46
C VAL B 86 -2.94 -10.05 16.31
N THR B 87 -3.43 -11.27 16.50
CA THR B 87 -3.01 -12.49 15.75
C THR B 87 -4.07 -12.95 14.74
N GLY B 88 -5.20 -12.26 14.65
CA GLY B 88 -6.36 -12.70 13.85
C GLY B 88 -6.33 -12.14 12.43
N GLY B 89 -5.49 -11.13 12.17
CA GLY B 89 -5.38 -10.50 10.83
C GLY B 89 -6.52 -9.51 10.57
N GLU B 90 -6.55 -8.90 9.39
CA GLU B 90 -7.50 -7.82 9.02
C GLU B 90 -8.93 -8.38 8.99
N LEU B 91 -9.91 -7.60 9.45
CA LEU B 91 -11.36 -7.84 9.25
C LEU B 91 -11.63 -7.97 7.75
N PHE B 92 -10.91 -7.21 6.92
CA PHE B 92 -10.98 -7.23 5.44
C PHE B 92 -10.90 -8.66 4.92
N GLU B 93 -9.86 -9.40 5.32
CA GLU B 93 -9.58 -10.80 4.86
C GLU B 93 -10.73 -11.73 5.27
N ASP B 94 -11.30 -11.53 6.46
CA ASP B 94 -12.39 -12.38 7.00
C ASP B 94 -13.68 -12.15 6.21
N ILE B 95 -13.94 -10.91 5.77
CA ILE B 95 -15.16 -10.56 4.98
C ILE B 95 -15.04 -11.21 3.60
N VAL B 96 -13.89 -11.06 2.93
CA VAL B 96 -13.60 -11.65 1.58
C VAL B 96 -13.80 -13.16 1.65
N ALA B 97 -13.23 -13.82 2.65
CA ALA B 97 -13.26 -15.30 2.81
C ALA B 97 -14.70 -15.78 3.04
N ARG B 98 -15.47 -15.10 3.90
CA ARG B 98 -16.86 -15.49 4.26
C ARG B 98 -17.88 -14.89 3.28
N GLU B 99 -17.44 -13.99 2.40
CA GLU B 99 -18.28 -13.23 1.40
C GLU B 99 -19.08 -12.13 2.12
N TYR B 100 -19.96 -12.51 3.04
CA TYR B 100 -20.75 -11.58 3.89
C TYR B 100 -20.93 -12.17 5.30
N TYR B 101 -21.34 -11.32 6.23
CA TYR B 101 -21.74 -11.65 7.62
C TYR B 101 -23.26 -11.75 7.67
N SER B 102 -23.80 -12.65 8.50
CA SER B 102 -25.22 -12.64 8.91
C SER B 102 -25.50 -11.33 9.65
N GLU B 103 -26.77 -10.92 9.75
CA GLU B 103 -27.19 -9.68 10.43
C GLU B 103 -26.74 -9.72 11.90
N ALA B 104 -26.84 -10.89 12.54
CA ALA B 104 -26.44 -11.11 13.95
C ALA B 104 -24.93 -10.88 14.10
N ASP B 105 -24.12 -11.42 13.19
CA ASP B 105 -22.63 -11.30 13.21
C ASP B 105 -22.24 -9.86 12.83
N ALA B 106 -22.90 -9.27 11.83
CA ALA B 106 -22.66 -7.88 11.36
C ALA B 106 -22.96 -6.89 12.49
N SER B 107 -24.08 -7.10 13.21
CA SER B 107 -24.53 -6.26 14.34
C SER B 107 -23.49 -6.30 15.46
N HIS B 108 -23.08 -7.51 15.86
CA HIS B 108 -22.03 -7.78 16.87
C HIS B 108 -20.72 -7.07 16.47
N CYS B 109 -20.34 -7.16 15.19
CA CYS B 109 -19.10 -6.56 14.63
C CYS B 109 -19.16 -5.04 14.75
N ILE B 110 -20.18 -4.42 14.14
CA ILE B 110 -20.31 -2.93 14.07
C ILE B 110 -20.51 -2.37 15.48
N GLN B 111 -21.14 -3.14 16.38
CA GLN B 111 -21.34 -2.75 17.81
C GLN B 111 -19.97 -2.51 18.46
N GLN B 112 -19.03 -3.44 18.29
CA GLN B 112 -17.65 -3.34 18.84
C GLN B 112 -16.94 -2.16 18.20
N ILE B 113 -17.07 -1.98 16.88
CA ILE B 113 -16.44 -0.87 16.11
C ILE B 113 -16.94 0.46 16.69
N LEU B 114 -18.25 0.58 16.91
CA LEU B 114 -18.91 1.82 17.41
C LEU B 114 -18.48 2.10 18.86
N GLU B 115 -18.33 1.06 19.69
CA GLU B 115 -17.81 1.17 21.08
C GLU B 115 -16.40 1.78 21.03
N ALA B 116 -15.55 1.30 20.13
CA ALA B 116 -14.15 1.77 19.94
C ALA B 116 -14.18 3.24 19.47
N VAL B 117 -15.03 3.56 18.49
CA VAL B 117 -15.19 4.93 17.94
C VAL B 117 -15.74 5.85 19.04
N LEU B 118 -16.73 5.39 19.82
CA LEU B 118 -17.33 6.17 20.93
C LEU B 118 -16.23 6.58 21.91
N HIS B 119 -15.39 5.62 22.33
CA HIS B 119 -14.27 5.87 23.28
C HIS B 119 -13.34 6.93 22.69
N CYS B 120 -12.90 6.74 21.44
CA CYS B 120 -12.03 7.69 20.69
C CYS B 120 -12.63 9.10 20.77
N HIS B 121 -13.91 9.22 20.42
CA HIS B 121 -14.67 10.51 20.37
C HIS B 121 -14.71 11.12 21.76
N GLN B 122 -14.98 10.32 22.81
CA GLN B 122 -15.05 10.79 24.22
C GLN B 122 -13.67 11.31 24.65
N MET B 123 -12.59 10.72 24.15
CA MET B 123 -11.19 11.09 24.49
C MET B 123 -10.67 12.20 23.54
N GLY B 124 -11.51 12.67 22.61
CA GLY B 124 -11.18 13.77 21.70
C GLY B 124 -10.29 13.31 20.55
N VAL B 125 -10.44 12.07 20.10
CA VAL B 125 -9.67 11.48 18.96
C VAL B 125 -10.65 11.14 17.84
N VAL B 126 -10.39 11.64 16.63
CA VAL B 126 -11.10 11.23 15.37
C VAL B 126 -10.09 10.46 14.51
N HIS B 127 -10.44 9.22 14.15
CA HIS B 127 -9.56 8.26 13.44
C HIS B 127 -9.32 8.72 12.00
N ARG B 128 -10.39 9.07 11.30
CA ARG B 128 -10.42 9.65 9.91
C ARG B 128 -10.16 8.59 8.83
N ASN B 129 -9.81 7.35 9.21
CA ASN B 129 -9.35 6.32 8.24
C ASN B 129 -9.90 4.94 8.63
N LEU B 130 -11.14 4.88 9.14
CA LEU B 130 -11.82 3.59 9.46
C LEU B 130 -12.08 2.83 8.17
N LYS B 131 -11.74 1.54 8.16
CA LYS B 131 -11.97 0.59 7.03
C LYS B 131 -11.62 -0.82 7.49
N PRO B 132 -12.10 -1.87 6.80
CA PRO B 132 -11.85 -3.26 7.22
C PRO B 132 -10.36 -3.62 7.38
N GLU B 133 -9.48 -2.96 6.62
CA GLU B 133 -8.00 -3.15 6.69
C GLU B 133 -7.48 -2.70 8.06
N ASN B 134 -8.11 -1.70 8.68
CA ASN B 134 -7.64 -1.04 9.92
C ASN B 134 -8.34 -1.64 11.14
N LEU B 135 -9.15 -2.67 10.95
CA LEU B 135 -9.80 -3.43 12.05
C LEU B 135 -9.20 -4.84 12.07
N LEU B 136 -8.60 -5.23 13.21
CA LEU B 136 -7.90 -6.53 13.37
C LEU B 136 -8.75 -7.44 14.27
N LEU B 137 -8.69 -8.75 14.02
CA LEU B 137 -9.40 -9.78 14.84
C LEU B 137 -8.46 -10.25 15.95
N ALA B 138 -8.97 -10.39 17.17
CA ALA B 138 -8.21 -10.75 18.38
C ALA B 138 -7.78 -12.23 18.30
N SER B 139 -8.44 -13.03 17.47
CA SER B 139 -8.06 -14.46 17.22
C SER B 139 -8.52 -14.89 15.82
N LYS B 140 -8.21 -16.12 15.44
CA LYS B 140 -8.59 -16.74 14.13
C LYS B 140 -9.88 -17.54 14.29
N LEU B 141 -10.41 -17.61 15.50
CA LEU B 141 -11.73 -18.22 15.82
C LEU B 141 -12.83 -17.27 15.35
N LYS B 142 -13.76 -17.74 14.52
CA LYS B 142 -15.00 -17.01 14.12
C LYS B 142 -15.71 -16.48 15.38
N GLY B 143 -16.15 -15.21 15.33
CA GLY B 143 -16.80 -14.52 16.46
C GLY B 143 -15.82 -13.74 17.32
N ALA B 144 -14.54 -13.71 16.93
CA ALA B 144 -13.46 -13.01 17.67
C ALA B 144 -13.76 -11.51 17.71
N ALA B 145 -13.30 -10.85 18.78
CA ALA B 145 -13.40 -9.39 18.99
C ALA B 145 -12.59 -8.64 17.92
N VAL B 146 -13.06 -7.46 17.52
CA VAL B 146 -12.35 -6.54 16.58
C VAL B 146 -11.53 -5.56 17.41
N LYS B 147 -10.36 -5.16 16.91
CA LYS B 147 -9.48 -4.12 17.51
C LYS B 147 -9.18 -3.06 16.46
N LEU B 148 -9.59 -1.82 16.73
CA LEU B 148 -9.28 -0.61 15.93
C LEU B 148 -7.76 -0.37 15.98
N ALA B 149 -7.14 -0.23 14.81
CA ALA B 149 -5.67 -0.07 14.64
C ALA B 149 -5.35 1.12 13.74
N ASP B 150 -4.07 1.52 13.75
CA ASP B 150 -3.45 2.50 12.81
C ASP B 150 -4.06 3.89 13.01
N PHE B 151 -3.55 4.64 13.99
CA PHE B 151 -3.94 6.03 14.32
C PHE B 151 -2.95 7.02 13.67
N GLY B 152 -2.31 6.62 12.57
CA GLY B 152 -1.33 7.44 11.82
C GLY B 152 -1.98 8.66 11.18
N LEU B 153 -3.29 8.61 10.88
CA LEU B 153 -4.06 9.73 10.28
C LEU B 153 -4.98 10.37 11.33
N ALA B 154 -4.95 9.88 12.58
CA ALA B 154 -5.87 10.33 13.66
C ALA B 154 -5.53 11.78 14.06
N ILE B 155 -6.56 12.56 14.39
CA ILE B 155 -6.44 13.98 14.82
C ILE B 155 -7.00 14.11 16.24
N GLU B 156 -6.55 15.12 16.97
CA GLU B 156 -7.10 15.54 18.28
C GLU B 156 -8.08 16.68 18.02
N VAL B 157 -9.30 16.57 18.56
CA VAL B 157 -10.37 17.60 18.43
C VAL B 157 -10.66 18.16 19.81
N GLU B 158 -11.16 19.41 19.87
CA GLU B 158 -11.64 20.07 21.12
C GLU B 158 -13.16 19.89 21.20
N GLY B 159 -13.63 18.95 22.03
CA GLY B 159 -15.07 18.69 22.23
C GLY B 159 -15.77 18.36 20.92
N GLU B 160 -16.83 19.11 20.59
CA GLU B 160 -17.67 18.89 19.37
C GLU B 160 -17.27 19.86 18.25
N GLN B 161 -16.16 20.60 18.43
CA GLN B 161 -15.72 21.66 17.49
C GLN B 161 -15.27 21.04 16.18
N GLN B 162 -15.82 21.52 15.06
CA GLN B 162 -15.39 21.16 13.69
C GLN B 162 -14.40 22.21 13.18
N ALA B 163 -13.45 21.76 12.36
CA ALA B 163 -12.41 22.59 11.70
C ALA B 163 -11.92 21.89 10.44
N TRP B 164 -11.27 22.62 9.54
CA TRP B 164 -10.56 22.02 8.37
C TRP B 164 -9.25 21.42 8.86
N PHE B 165 -9.22 20.10 9.07
CA PHE B 165 -8.05 19.34 9.60
C PHE B 165 -7.23 18.76 8.43
N GLY B 166 -7.58 19.12 7.19
CA GLY B 166 -6.86 18.72 5.97
C GLY B 166 -7.54 17.57 5.26
N PHE B 167 -7.11 17.29 4.02
CA PHE B 167 -7.60 16.16 3.18
C PHE B 167 -6.79 14.90 3.52
N ALA B 168 -7.43 13.93 4.17
CA ALA B 168 -6.81 12.63 4.54
C ALA B 168 -7.89 11.55 4.66
N GLY B 169 -7.52 10.29 4.36
CA GLY B 169 -8.39 9.11 4.47
C GLY B 169 -8.24 8.22 3.26
N THR B 170 -9.14 7.25 3.10
CA THR B 170 -9.14 6.24 2.00
C THR B 170 -10.34 6.50 1.09
N PRO B 171 -10.13 6.67 -0.24
CA PRO B 171 -11.19 7.08 -1.16
C PRO B 171 -12.59 6.49 -0.92
N GLY B 172 -12.72 5.16 -0.84
CA GLY B 172 -14.00 4.46 -0.68
C GLY B 172 -14.72 4.77 0.63
N TYR B 173 -14.02 5.34 1.62
CA TYR B 173 -14.51 5.56 3.01
C TYR B 173 -14.56 7.05 3.37
N LEU B 174 -14.13 7.94 2.46
CA LEU B 174 -14.08 9.41 2.66
C LEU B 174 -15.50 9.95 2.82
N SER B 175 -15.72 10.86 3.77
CA SER B 175 -17.03 11.52 4.02
C SER B 175 -17.26 12.62 2.98
N PRO B 176 -18.53 12.95 2.66
CA PRO B 176 -18.82 14.08 1.77
C PRO B 176 -18.21 15.42 2.22
N GLU B 177 -18.20 15.70 3.53
CA GLU B 177 -17.74 17.02 4.07
C GLU B 177 -16.23 17.18 3.82
N VAL B 178 -15.45 16.09 3.85
CA VAL B 178 -13.99 16.13 3.54
C VAL B 178 -13.80 16.40 2.05
N LEU B 179 -14.61 15.77 1.19
CA LEU B 179 -14.53 15.91 -0.29
C LEU B 179 -15.00 17.32 -0.72
N ARG B 180 -15.97 17.92 -0.01
CA ARG B 180 -16.43 19.31 -0.24
C ARG B 180 -15.38 20.31 0.28
N LYS B 181 -14.40 19.85 1.06
CA LYS B 181 -13.38 20.68 1.76
C LYS B 181 -14.10 21.64 2.71
N ASP B 182 -15.00 21.10 3.53
CA ASP B 182 -15.70 21.83 4.62
C ASP B 182 -15.00 21.52 5.94
N PRO B 183 -15.18 22.35 6.99
CA PRO B 183 -14.88 21.93 8.35
C PRO B 183 -15.59 20.61 8.67
N TYR B 184 -14.96 19.77 9.48
CA TYR B 184 -15.47 18.42 9.84
C TYR B 184 -14.93 18.03 11.22
N GLY B 185 -15.45 16.95 11.77
CA GLY B 185 -14.99 16.38 13.04
C GLY B 185 -15.38 14.93 13.16
N LYS B 186 -16.03 14.59 14.28
CA LYS B 186 -16.36 13.21 14.71
C LYS B 186 -17.22 12.49 13.68
N PRO B 187 -18.22 13.16 13.04
CA PRO B 187 -19.11 12.46 12.11
C PRO B 187 -18.43 11.74 10.93
N VAL B 188 -17.22 12.13 10.53
CA VAL B 188 -16.48 11.48 9.40
C VAL B 188 -16.32 9.99 9.72
N ASP B 189 -16.12 9.65 11.00
CA ASP B 189 -15.93 8.25 11.46
C ASP B 189 -17.23 7.46 11.31
N LEU B 190 -18.39 8.08 11.58
CA LEU B 190 -19.71 7.41 11.49
C LEU B 190 -20.07 7.17 10.02
N TRP B 191 -19.66 8.05 9.11
CA TRP B 191 -19.84 7.84 7.64
C TRP B 191 -19.10 6.56 7.23
N ALA B 192 -17.84 6.44 7.63
CA ALA B 192 -16.97 5.26 7.35
C ALA B 192 -17.61 4.00 7.95
N CYS B 193 -18.19 4.11 9.17
CA CYS B 193 -18.91 2.99 9.85
C CYS B 193 -20.07 2.52 8.97
N GLY B 194 -20.80 3.46 8.34
CA GLY B 194 -21.88 3.18 7.39
C GLY B 194 -21.40 2.37 6.21
N VAL B 195 -20.25 2.75 5.64
CA VAL B 195 -19.62 2.05 4.48
C VAL B 195 -19.24 0.63 4.93
N ILE B 196 -18.64 0.50 6.11
CA ILE B 196 -18.17 -0.81 6.68
C ILE B 196 -19.39 -1.71 6.93
N LEU B 197 -20.47 -1.17 7.50
CA LEU B 197 -21.70 -1.96 7.81
C LEU B 197 -22.33 -2.47 6.51
N TYR B 198 -22.37 -1.62 5.47
CA TYR B 198 -22.88 -1.98 4.12
C TYR B 198 -22.06 -3.17 3.59
N ILE B 199 -20.74 -3.06 3.62
CA ILE B 199 -19.78 -4.13 3.19
C ILE B 199 -20.07 -5.42 3.98
N LEU B 200 -20.21 -5.32 5.30
CA LEU B 200 -20.46 -6.49 6.19
C LEU B 200 -21.66 -7.30 5.69
N LEU B 201 -22.75 -6.62 5.30
CA LEU B 201 -24.07 -7.27 5.09
C LEU B 201 -24.18 -7.94 3.71
N VAL B 202 -23.46 -7.44 2.68
CA VAL B 202 -23.59 -7.97 1.28
C VAL B 202 -22.22 -8.24 0.63
N GLY B 203 -21.11 -7.82 1.25
CA GLY B 203 -19.75 -8.23 0.83
C GLY B 203 -19.18 -7.38 -0.30
N TYR B 204 -19.83 -6.24 -0.63
CA TYR B 204 -19.31 -5.25 -1.61
C TYR B 204 -19.62 -3.84 -1.11
N PRO B 205 -18.87 -2.81 -1.56
CA PRO B 205 -19.02 -1.45 -1.04
C PRO B 205 -20.18 -0.69 -1.65
N PRO B 206 -20.75 0.32 -0.93
CA PRO B 206 -21.83 1.14 -1.46
C PRO B 206 -21.37 2.14 -2.54
N PHE B 207 -20.11 2.57 -2.48
CA PHE B 207 -19.49 3.53 -3.43
C PHE B 207 -18.23 2.88 -4.04
N TRP B 208 -18.16 2.82 -5.37
CA TRP B 208 -16.96 2.38 -6.11
C TRP B 208 -17.04 2.84 -7.57
N ASP B 209 -15.90 3.29 -8.11
CA ASP B 209 -15.71 3.54 -9.55
C ASP B 209 -14.21 3.48 -9.88
N GLU B 210 -13.86 2.98 -11.06
CA GLU B 210 -12.48 2.96 -11.60
C GLU B 210 -11.97 4.41 -11.71
N ASP B 211 -12.88 5.34 -12.02
CA ASP B 211 -12.63 6.80 -12.11
C ASP B 211 -12.84 7.43 -10.73
N GLN B 212 -11.76 7.85 -10.06
CA GLN B 212 -11.77 8.43 -8.68
C GLN B 212 -12.67 9.67 -8.65
N HIS B 213 -12.64 10.49 -9.71
CA HIS B 213 -13.46 11.73 -9.82
C HIS B 213 -14.95 11.38 -9.75
N ARG B 214 -15.37 10.31 -10.43
CA ARG B 214 -16.79 9.82 -10.41
C ARG B 214 -17.10 9.23 -9.02
N LEU B 215 -16.16 8.50 -8.41
CA LEU B 215 -16.32 7.92 -7.05
C LEU B 215 -16.70 9.04 -6.08
N TYR B 216 -15.92 10.13 -6.07
CA TYR B 216 -16.09 11.29 -5.16
C TYR B 216 -17.44 11.96 -5.42
N LYS B 217 -17.85 12.08 -6.68
CA LYS B 217 -19.18 12.66 -7.06
C LYS B 217 -20.29 11.78 -6.46
N GLN B 218 -20.18 10.45 -6.57
CA GLN B 218 -21.16 9.47 -6.03
C GLN B 218 -21.25 9.61 -4.50
N ILE B 219 -20.10 9.72 -3.82
CA ILE B 219 -20.03 9.89 -2.35
C ILE B 219 -20.71 11.20 -1.94
N LYS B 220 -20.32 12.32 -2.58
CA LYS B 220 -20.80 13.68 -2.25
C LYS B 220 -22.32 13.76 -2.41
N ALA B 221 -22.90 13.03 -3.36
CA ALA B 221 -24.36 13.02 -3.65
C ALA B 221 -25.05 11.90 -2.87
N GLY B 222 -24.31 11.12 -2.08
CA GLY B 222 -24.82 9.96 -1.34
C GLY B 222 -25.56 9.00 -2.26
N ALA B 223 -25.01 8.78 -3.47
CA ALA B 223 -25.62 7.96 -4.55
C ALA B 223 -25.27 6.48 -4.33
N TYR B 224 -25.89 5.86 -3.33
CA TYR B 224 -25.87 4.40 -3.07
C TYR B 224 -27.31 3.91 -3.15
N ASP B 225 -27.50 2.61 -3.36
CA ASP B 225 -28.83 1.94 -3.28
C ASP B 225 -28.64 0.55 -2.68
N PHE B 226 -29.73 -0.20 -2.55
CA PHE B 226 -29.80 -1.55 -1.99
C PHE B 226 -30.36 -2.49 -3.05
N PRO B 227 -29.55 -2.87 -4.08
CA PRO B 227 -30.08 -3.61 -5.23
C PRO B 227 -30.66 -4.99 -4.90
N SER B 228 -31.65 -5.41 -5.70
CA SER B 228 -32.22 -6.78 -5.70
C SER B 228 -31.26 -7.70 -6.42
N PRO B 229 -31.21 -9.01 -6.08
CA PRO B 229 -32.04 -9.62 -5.03
C PRO B 229 -31.43 -9.67 -3.62
N GLU B 230 -30.12 -9.40 -3.48
CA GLU B 230 -29.36 -9.69 -2.23
C GLU B 230 -29.90 -8.86 -1.06
N TRP B 231 -30.36 -7.63 -1.31
CA TRP B 231 -30.83 -6.69 -0.25
C TRP B 231 -32.34 -6.90 0.03
N ASP B 232 -33.03 -7.74 -0.73
CA ASP B 232 -34.49 -7.98 -0.60
C ASP B 232 -34.81 -8.65 0.74
N THR B 233 -33.85 -9.38 1.33
CA THR B 233 -34.01 -10.22 2.55
C THR B 233 -33.23 -9.62 3.73
N VAL B 234 -32.56 -8.47 3.55
CA VAL B 234 -31.96 -7.67 4.65
C VAL B 234 -33.08 -6.84 5.27
N THR B 235 -33.13 -6.77 6.61
CA THR B 235 -34.22 -6.14 7.39
C THR B 235 -34.26 -4.64 7.10
N PRO B 236 -35.44 -3.98 7.22
CA PRO B 236 -35.54 -2.52 7.10
C PRO B 236 -34.70 -1.76 8.15
N GLU B 237 -34.55 -2.31 9.35
CA GLU B 237 -33.84 -1.65 10.48
C GLU B 237 -32.32 -1.65 10.21
N ALA B 238 -31.79 -2.64 9.50
CA ALA B 238 -30.38 -2.68 9.04
C ALA B 238 -30.17 -1.55 8.01
N LYS B 239 -31.08 -1.44 7.04
CA LYS B 239 -31.06 -0.38 5.99
C LYS B 239 -31.20 0.99 6.66
N ASP B 240 -32.00 1.08 7.72
CA ASP B 240 -32.29 2.35 8.45
C ASP B 240 -31.00 2.87 9.13
N LEU B 241 -30.26 2.00 9.81
CA LEU B 241 -28.99 2.35 10.50
C LEU B 241 -27.97 2.80 9.44
N ILE B 242 -27.86 2.07 8.34
CA ILE B 242 -26.95 2.42 7.22
C ILE B 242 -27.32 3.82 6.70
N ASN B 243 -28.61 4.05 6.43
CA ASN B 243 -29.17 5.33 5.93
C ASN B 243 -28.77 6.48 6.86
N LYS B 244 -28.89 6.28 8.18
CA LYS B 244 -28.63 7.31 9.21
C LYS B 244 -27.12 7.57 9.31
N MET B 245 -26.28 6.56 9.04
CA MET B 245 -24.80 6.69 9.01
C MET B 245 -24.40 7.36 7.69
N LEU B 246 -24.96 6.91 6.57
CA LEU B 246 -24.67 7.43 5.21
C LEU B 246 -25.59 8.63 4.91
N THR B 247 -25.68 9.56 5.86
CA THR B 247 -26.35 10.88 5.71
C THR B 247 -25.29 11.91 5.32
N ILE B 248 -25.46 12.54 4.15
CA ILE B 248 -24.42 13.40 3.51
C ILE B 248 -24.16 14.64 4.39
N ASN B 249 -25.19 15.18 5.04
CA ASN B 249 -25.07 16.39 5.90
C ASN B 249 -24.71 15.93 7.31
N PRO B 250 -23.47 16.20 7.80
CA PRO B 250 -22.98 15.63 9.05
C PRO B 250 -23.76 16.04 10.31
N SER B 251 -24.46 17.18 10.28
CA SER B 251 -25.43 17.63 11.33
C SER B 251 -26.46 16.54 11.63
N LYS B 252 -27.01 15.91 10.58
CA LYS B 252 -28.16 14.98 10.66
C LYS B 252 -27.67 13.54 10.83
N ARG B 253 -26.36 13.29 10.65
CA ARG B 253 -25.75 11.95 10.72
C ARG B 253 -25.84 11.44 12.16
N ILE B 254 -26.17 10.15 12.33
CA ILE B 254 -26.21 9.47 13.66
C ILE B 254 -24.80 9.53 14.28
N THR B 255 -24.72 9.74 15.59
CA THR B 255 -23.46 9.71 16.38
C THR B 255 -23.19 8.27 16.81
N ALA B 256 -21.97 8.00 17.31
CA ALA B 256 -21.57 6.68 17.87
C ALA B 256 -22.55 6.31 18.99
N ALA B 257 -22.76 7.22 19.95
CA ALA B 257 -23.63 7.01 21.14
C ALA B 257 -25.05 6.65 20.69
N GLU B 258 -25.60 7.38 19.72
CA GLU B 258 -26.98 7.16 19.17
C GLU B 258 -27.05 5.82 18.45
N ALA B 259 -26.02 5.49 17.65
CA ALA B 259 -25.94 4.26 16.82
C ALA B 259 -25.99 3.03 17.73
N LEU B 260 -25.35 3.10 18.90
CA LEU B 260 -25.29 1.99 19.89
C LEU B 260 -26.66 1.77 20.56
N LYS B 261 -27.57 2.75 20.48
CA LYS B 261 -28.96 2.66 21.04
C LYS B 261 -29.96 2.27 19.95
N HIS B 262 -29.55 2.20 18.68
CA HIS B 262 -30.42 1.82 17.54
C HIS B 262 -30.94 0.41 17.75
N PRO B 263 -32.26 0.15 17.54
CA PRO B 263 -32.84 -1.17 17.83
C PRO B 263 -32.10 -2.35 17.18
N TRP B 264 -31.53 -2.15 15.98
CA TRP B 264 -30.81 -3.21 15.22
C TRP B 264 -29.53 -3.62 15.96
N ILE B 265 -29.00 -2.76 16.84
CA ILE B 265 -27.78 -3.03 17.67
C ILE B 265 -28.20 -3.48 19.07
N SER B 266 -29.05 -2.70 19.76
CA SER B 266 -29.31 -2.78 21.22
C SER B 266 -30.32 -3.89 21.56
N HIS B 267 -31.44 -3.96 20.81
CA HIS B 267 -32.55 -4.92 21.03
C HIS B 267 -32.15 -6.29 20.48
N ARG B 268 -31.03 -6.85 20.98
CA ARG B 268 -30.36 -8.09 20.50
C ARG B 268 -28.85 -7.98 20.76
N ARG C 7 12.64 19.34 1.58
CA ARG C 7 13.86 18.61 1.09
C ARG C 7 13.47 17.19 0.67
N ASN C 8 13.99 16.73 -0.47
CA ASN C 8 13.63 15.43 -1.10
C ASN C 8 13.92 14.29 -0.12
N LYS C 9 13.00 13.32 -0.02
CA LYS C 9 13.10 12.16 0.91
C LYS C 9 12.83 10.88 0.13
N LEU C 10 13.59 9.81 0.41
CA LEU C 10 13.27 8.45 -0.09
C LEU C 10 12.09 7.90 0.73
N ARG C 11 10.93 7.78 0.09
CA ARG C 11 9.66 7.35 0.74
C ARG C 11 9.06 6.22 -0.11
N ARG C 12 8.44 5.24 0.56
CA ARG C 12 7.60 4.19 -0.08
C ARG C 12 6.35 4.88 -0.64
N GLN C 13 6.02 4.60 -1.90
CA GLN C 13 4.89 5.23 -2.63
C GLN C 13 4.02 4.12 -3.24
N HIS C 14 2.71 4.34 -3.27
CA HIS C 14 1.68 3.38 -3.77
C HIS C 14 1.56 3.51 -5.29
N SER C 15 1.31 2.38 -5.96
CA SER C 15 1.07 2.27 -7.41
C SER C 15 -0.38 2.71 -7.73
N TYR C 16 -0.60 3.26 -8.93
CA TYR C 16 -1.93 3.62 -9.48
C TYR C 16 -2.17 2.83 -10.77
N ASP C 17 -3.44 2.64 -11.13
CA ASP C 17 -3.87 2.14 -12.47
C ASP C 17 -5.00 3.03 -13.01
N THR C 18 -5.13 4.25 -12.46
CA THR C 18 -5.93 5.39 -13.01
C THR C 18 -5.54 6.67 -12.26
N PHE C 19 -5.90 7.84 -12.82
CA PHE C 19 -5.46 9.19 -12.35
C PHE C 19 -6.09 9.52 -10.99
N VAL C 20 -5.41 10.38 -10.22
CA VAL C 20 -5.85 10.89 -8.88
C VAL C 20 -6.55 12.25 -9.08
N ARG D 7 -21.78 -5.89 -10.11
CA ARG D 7 -21.62 -5.19 -8.80
C ARG D 7 -20.15 -4.81 -8.60
N ASN D 8 -19.90 -3.65 -7.99
CA ASN D 8 -18.58 -3.23 -7.43
C ASN D 8 -18.05 -4.35 -6.52
N LYS D 9 -16.74 -4.65 -6.60
CA LYS D 9 -16.07 -5.70 -5.77
C LYS D 9 -15.24 -5.05 -4.67
N LEU D 10 -15.18 -5.70 -3.50
CA LEU D 10 -14.45 -5.23 -2.29
C LEU D 10 -12.93 -5.28 -2.57
N ARG D 11 -12.29 -4.11 -2.59
CA ARG D 11 -10.85 -3.95 -2.92
C ARG D 11 -10.14 -3.27 -1.76
N ARG D 12 -8.90 -3.70 -1.49
CA ARG D 12 -7.95 -3.03 -0.58
C ARG D 12 -7.56 -1.70 -1.22
N GLN D 13 -7.61 -0.60 -0.46
CA GLN D 13 -7.36 0.78 -0.96
C GLN D 13 -6.30 1.45 -0.09
N HIS D 14 -5.45 2.29 -0.68
CA HIS D 14 -4.36 3.04 -0.02
C HIS D 14 -4.92 4.33 0.60
N SER D 15 -4.39 4.73 1.74
CA SER D 15 -4.69 6.01 2.44
C SER D 15 -3.93 7.15 1.76
N TYR D 16 -4.47 8.37 1.82
CA TYR D 16 -3.80 9.62 1.39
C TYR D 16 -3.67 10.56 2.58
N ASP D 17 -2.66 11.43 2.55
CA ASP D 17 -2.40 12.51 3.56
C ASP D 17 -1.89 13.74 2.81
N THR D 18 -2.57 14.88 2.95
CA THR D 18 -2.28 16.15 2.24
C THR D 18 -2.32 17.32 3.24
O UZD E . 9.83 -13.93 -1.90
C7 UZD E . 9.31 -13.13 -2.81
O1 UZD E . 8.88 -11.79 -2.41
C8 UZD E . 9.32 -11.28 -1.16
C9 UZD E . 8.49 -10.09 -0.69
C14 UZD E . 9.38 -8.89 -0.46
O6 UZD E . 10.33 -9.23 0.56
C13 UZD E . 8.62 -7.63 -0.08
O5 UZD E . 8.73 -7.36 1.33
O2 UZD E . 7.46 -9.84 -1.66
C10 UZD E . 6.86 -8.53 -1.69
O3 UZD E . 7.35 -7.81 -2.82
C11 UZD E . 7.02 -8.41 -4.08
C12 UZD E . 7.14 -7.70 -0.44
O4 UZD E . 6.68 -6.36 -0.69
N UZD E . 9.20 -13.53 -4.00
C6 UZD E . 8.68 -12.82 -5.14
C5 UZD E . 7.18 -12.57 -4.97
C4 UZD E . 6.63 -11.86 -6.19
C3 UZD E . 5.19 -11.41 -5.98
C2 UZD E . 4.69 -10.63 -7.19
C1 UZD E . 3.36 -9.92 -6.90
C UZD E . 3.53 -8.69 -6.04
O UZD F . 0.13 -7.72 15.98
C7 UZD F . -0.32 -6.54 15.59
O1 UZD F . -0.64 -6.30 14.19
C8 UZD F . -0.55 -7.40 13.28
C9 UZD F . -0.48 -6.94 11.83
C14 UZD F . -1.71 -7.44 11.09
O6 UZD F . -1.73 -8.86 11.13
C13 UZD F . -1.74 -6.94 9.65
O5 UZD F . -1.52 -8.01 8.72
O2 UZD F . -0.40 -5.53 11.80
C10 UZD F . -0.51 -4.89 10.52
O3 UZD F . -1.63 -4.01 10.55
C11 UZD F . -1.53 -3.03 11.59
C12 UZD F . -0.70 -5.87 9.36
O4 UZD F . -1.11 -5.17 8.18
N UZD F . -0.48 -5.62 16.45
C6 UZD F . -0.96 -4.26 16.27
C5 UZD F . 0.08 -3.46 15.50
C4 UZD F . -0.41 -2.04 15.23
C3 UZD F . 0.53 -1.32 14.26
C2 UZD F . 0.32 0.18 14.24
C1 UZD F . -0.25 0.68 12.91
C UZD F . 0.80 0.68 11.82
C1 GOL G . -14.78 -12.32 13.15
O1 GOL G . -15.08 -13.71 13.07
C2 GOL G . -15.98 -11.52 13.60
O2 GOL G . -16.34 -11.90 14.93
C3 GOL G . -15.76 -10.02 13.57
O3 GOL G . -16.88 -9.31 14.10
#